data_8BQ1
#
_entry.id   8BQ1
#
_cell.length_a   70.080
_cell.length_b   70.080
_cell.length_c   77.330
_cell.angle_alpha   90.000
_cell.angle_beta   90.000
_cell.angle_gamma   120.000
#
_symmetry.space_group_name_H-M   'P 62'
#
loop_
_entity.id
_entity.type
_entity.pdbx_description
1 polymer Assemblin
2 non-polymer GLYCEROL
3 water water
#
_entity_poly.entity_id   1
_entity_poly.type   'polypeptide(L)'
_entity_poly.pdbx_seq_one_letter_code
;MAADAPGDRMEEPLPDRAVPIYVAGFLALYDSGDSGELALDPDTVRAALPPDNPLPINVDHRAGCEVGRVLAVVDDPRGP
FFVGLIACVQLERVLETAASAAIFERRGPPLSREERLLYLITNYLPSVSLATKRLGGEAHPDRTLFAHVALCAIGRRLGT
IVTYDTGLDAAIAPFRHLSPASREGARRLAAEAELALSGRTWAPGVEALTHTLLSTAVNNMMLRDRWSLVAERRRQAGIA
GHTYLQA
;
_entity_poly.pdbx_strand_id   A
#
# COMPACT_ATOMS: atom_id res chain seq x y z
N GLU A 11 -24.16 -1.55 -12.06
CA GLU A 11 -24.63 -0.61 -11.04
C GLU A 11 -24.36 0.83 -11.45
N GLU A 12 -24.10 1.69 -10.47
CA GLU A 12 -23.78 3.08 -10.73
C GLU A 12 -22.51 3.18 -11.58
N PRO A 13 -22.33 4.26 -12.35
CA PRO A 13 -21.22 4.25 -13.31
C PRO A 13 -19.88 4.50 -12.63
N LEU A 14 -18.86 3.80 -13.12
CA LEU A 14 -17.53 3.90 -12.57
C LEU A 14 -16.99 5.32 -12.72
N PRO A 15 -16.45 5.92 -11.67
CA PRO A 15 -15.83 7.25 -11.81
C PRO A 15 -14.71 7.22 -12.83
N ASP A 16 -14.58 8.33 -13.57
CA ASP A 16 -13.63 8.36 -14.68
C ASP A 16 -12.18 8.39 -14.21
N ARG A 17 -11.91 9.02 -13.07
CA ARG A 17 -10.56 9.12 -12.54
C ARG A 17 -10.49 8.48 -11.17
N ALA A 18 -9.42 7.74 -10.92
CA ALA A 18 -9.22 7.13 -9.61
C ALA A 18 -8.77 8.18 -8.61
N VAL A 19 -9.22 8.02 -7.37
CA VAL A 19 -8.75 8.85 -6.27
C VAL A 19 -7.36 8.35 -5.88
N PRO A 20 -6.31 9.15 -6.08
CA PRO A 20 -4.96 8.69 -5.73
C PRO A 20 -4.83 8.48 -4.23
N ILE A 21 -4.36 7.30 -3.84
CA ILE A 21 -4.20 6.93 -2.44
C ILE A 21 -2.72 6.62 -2.21
N TYR A 22 -2.16 7.22 -1.17
CA TYR A 22 -0.77 6.99 -0.78
C TYR A 22 -0.74 6.15 0.48
N VAL A 23 0.10 5.12 0.49
CA VAL A 23 0.25 4.22 1.61
C VAL A 23 1.70 4.27 2.07
N ALA A 24 1.90 4.30 3.40
CA ALA A 24 3.23 4.35 3.96
C ALA A 24 3.29 3.48 5.21
N GLY A 25 4.48 2.98 5.51
CA GLY A 25 4.67 2.18 6.70
C GLY A 25 5.98 1.41 6.63
N PHE A 26 6.24 0.69 7.70
CA PHE A 26 7.40 -0.19 7.78
C PHE A 26 7.03 -1.57 7.23
N LEU A 27 7.83 -2.05 6.28
CA LEU A 27 7.63 -3.39 5.75
C LEU A 27 8.10 -4.47 6.73
N ALA A 28 9.10 -4.14 7.55
CA ALA A 28 9.62 -5.05 8.56
C ALA A 28 10.31 -4.22 9.63
N LEU A 29 10.51 -4.83 10.80
CA LEU A 29 11.15 -4.18 11.92
C LEU A 29 12.31 -5.03 12.41
N TYR A 30 13.43 -4.36 12.72
CA TYR A 30 14.64 -5.08 13.11
C TYR A 30 14.60 -5.47 14.57
N ASP A 31 15.31 -6.55 14.89
CA ASP A 31 15.50 -6.96 16.27
C ASP A 31 16.30 -5.88 17.01
N SER A 32 15.94 -5.66 18.27
CA SER A 32 16.59 -4.63 19.08
C SER A 32 18.07 -4.95 19.32
N LEU A 38 14.22 -12.07 13.02
CA LEU A 38 15.56 -12.49 12.63
C LEU A 38 15.60 -12.92 11.17
N ALA A 39 14.42 -13.07 10.57
CA ALA A 39 14.34 -13.40 9.14
C ALA A 39 14.93 -12.28 8.29
N LEU A 40 14.58 -11.03 8.61
CA LEU A 40 15.13 -9.85 7.94
C LEU A 40 16.04 -9.11 8.91
N ASP A 41 17.33 -9.13 8.64
CA ASP A 41 18.30 -8.34 9.38
C ASP A 41 18.76 -7.16 8.52
N PRO A 42 19.33 -6.13 9.13
CA PRO A 42 19.73 -4.95 8.34
C PRO A 42 20.71 -5.26 7.22
N ASP A 43 21.49 -6.34 7.33
CA ASP A 43 22.50 -6.63 6.32
C ASP A 43 21.88 -7.17 5.04
N THR A 44 20.90 -8.07 5.14
CA THR A 44 20.26 -8.58 3.93
C THR A 44 19.33 -7.55 3.31
N VAL A 45 18.80 -6.62 4.11
CA VAL A 45 17.95 -5.57 3.58
C VAL A 45 18.76 -4.64 2.69
N ARG A 46 19.97 -4.27 3.12
CA ARG A 46 20.80 -3.39 2.31
CA ARG A 46 20.80 -3.39 2.31
C ARG A 46 21.28 -4.08 1.05
N ALA A 47 21.37 -5.41 1.05
CA ALA A 47 21.78 -6.13 -0.15
C ALA A 47 20.76 -5.99 -1.26
N ALA A 48 19.46 -5.95 -0.90
CA ALA A 48 18.39 -5.73 -1.85
C ALA A 48 17.79 -4.33 -1.70
N LEU A 49 18.59 -3.37 -1.23
CA LEU A 49 18.12 -2.03 -0.88
C LEU A 49 17.44 -1.34 -2.06
N PRO A 50 18.09 -1.18 -3.22
CA PRO A 50 17.38 -0.65 -4.37
C PRO A 50 16.83 -1.79 -5.22
N PRO A 51 15.52 -1.92 -5.31
CA PRO A 51 14.96 -3.04 -6.08
C PRO A 51 15.31 -2.95 -7.55
N ASP A 52 15.72 -4.08 -8.11
CA ASP A 52 16.05 -4.13 -9.53
C ASP A 52 14.82 -3.81 -10.39
N ASN A 53 13.66 -4.31 -9.98
CA ASN A 53 12.41 -4.04 -10.66
C ASN A 53 11.43 -3.38 -9.70
N PRO A 54 10.48 -2.60 -10.21
CA PRO A 54 9.51 -1.94 -9.32
C PRO A 54 8.62 -2.97 -8.61
N LEU A 55 8.44 -2.78 -7.32
CA LEU A 55 7.62 -3.69 -6.53
C LEU A 55 6.15 -3.32 -6.68
N PRO A 56 5.32 -4.19 -7.25
CA PRO A 56 3.90 -3.87 -7.37
C PRO A 56 3.18 -4.01 -6.03
N ILE A 57 2.00 -3.42 -5.97
CA ILE A 57 1.10 -3.54 -4.82
C ILE A 57 -0.12 -4.33 -5.28
N ASN A 58 -0.41 -5.43 -4.57
CA ASN A 58 -1.57 -6.26 -4.88
C ASN A 58 -2.36 -6.50 -3.60
N VAL A 59 -3.44 -7.27 -3.74
CA VAL A 59 -4.34 -7.57 -2.64
C VAL A 59 -4.22 -9.06 -2.33
N ASP A 60 -3.89 -9.38 -1.08
CA ASP A 60 -3.86 -10.76 -0.61
CA ASP A 60 -3.82 -10.75 -0.58
C ASP A 60 -2.89 -11.61 -1.42
N HIS A 61 -1.77 -11.02 -1.82
CA HIS A 61 -0.67 -11.69 -2.51
C HIS A 61 -1.06 -12.27 -3.87
N ARG A 62 -2.20 -11.89 -4.42
CA ARG A 62 -2.63 -12.41 -5.73
C ARG A 62 -2.16 -11.44 -6.82
N ALA A 63 -1.31 -11.95 -7.72
CA ALA A 63 -0.68 -11.10 -8.73
C ALA A 63 -1.72 -10.48 -9.66
N GLY A 64 -2.84 -11.16 -9.89
CA GLY A 64 -3.88 -10.61 -10.74
C GLY A 64 -4.56 -9.39 -10.17
N CYS A 65 -4.53 -9.23 -8.85
CA CYS A 65 -5.20 -8.11 -8.19
C CYS A 65 -4.23 -6.98 -7.88
N GLU A 66 -3.46 -6.58 -8.88
CA GLU A 66 -2.50 -5.48 -8.72
C GLU A 66 -3.26 -4.16 -8.73
N VAL A 67 -3.11 -3.37 -7.68
CA VAL A 67 -3.83 -2.12 -7.53
C VAL A 67 -2.91 -0.91 -7.40
N GLY A 68 -1.61 -1.11 -7.36
CA GLY A 68 -0.72 0.01 -7.16
C GLY A 68 0.73 -0.36 -7.36
N ARG A 69 1.60 0.53 -6.91
CA ARG A 69 3.04 0.40 -7.12
C ARG A 69 3.78 1.01 -5.95
N VAL A 70 4.80 0.30 -5.45
CA VAL A 70 5.64 0.85 -4.39
C VAL A 70 6.48 1.97 -4.97
N LEU A 71 6.38 3.16 -4.37
CA LEU A 71 7.12 4.31 -4.90
C LEU A 71 8.57 4.32 -4.44
N ALA A 72 8.82 3.93 -3.19
CA ALA A 72 10.17 4.01 -2.64
C ALA A 72 10.30 3.07 -1.46
N VAL A 73 11.48 2.47 -1.32
CA VAL A 73 11.84 1.67 -0.15
C VAL A 73 13.17 2.21 0.36
N VAL A 74 13.22 2.62 1.63
CA VAL A 74 14.40 3.21 2.22
C VAL A 74 14.79 2.42 3.46
N ASP A 75 16.09 2.17 3.61
CA ASP A 75 16.58 1.55 4.84
C ASP A 75 16.52 2.56 5.98
N ASP A 76 16.20 2.07 7.17
CA ASP A 76 16.05 2.91 8.35
C ASP A 76 16.44 2.08 9.55
N PRO A 77 17.03 2.72 10.57
CA PRO A 77 17.39 1.96 11.79
C PRO A 77 16.23 1.16 12.39
N ARG A 78 14.99 1.65 12.27
CA ARG A 78 13.85 0.86 12.73
C ARG A 78 13.59 -0.32 11.81
N GLY A 79 13.62 -0.10 10.50
CA GLY A 79 13.41 -1.16 9.54
C GLY A 79 13.15 -0.62 8.15
N PRO A 80 13.00 -1.51 7.17
CA PRO A 80 12.69 -1.07 5.80
C PRO A 80 11.36 -0.35 5.75
N PHE A 81 11.40 0.92 5.36
CA PHE A 81 10.22 1.77 5.28
C PHE A 81 9.88 2.02 3.82
N PHE A 82 8.59 1.98 3.49
CA PHE A 82 8.15 2.08 2.12
C PHE A 82 7.05 3.11 1.96
N VAL A 83 6.88 3.57 0.73
CA VAL A 83 5.77 4.43 0.33
C VAL A 83 5.21 3.90 -0.98
N GLY A 84 3.88 3.87 -1.10
CA GLY A 84 3.25 3.33 -2.27
C GLY A 84 2.11 4.22 -2.74
N LEU A 85 1.73 4.01 -4.00
CA LEU A 85 0.61 4.72 -4.63
C LEU A 85 -0.42 3.70 -5.08
N ILE A 86 -1.68 3.92 -4.72
CA ILE A 86 -2.78 3.06 -5.12
C ILE A 86 -3.73 3.89 -5.96
N ALA A 87 -3.96 3.45 -7.20
CA ALA A 87 -4.84 4.16 -8.14
C ALA A 87 -5.73 3.12 -8.82
N CYS A 88 -6.93 2.91 -8.26
CA CYS A 88 -7.80 1.82 -8.70
C CYS A 88 -9.24 2.20 -8.41
N VAL A 89 -9.98 2.59 -9.45
CA VAL A 89 -11.40 2.87 -9.30
C VAL A 89 -12.15 1.61 -8.86
N GLN A 90 -11.75 0.46 -9.39
CA GLN A 90 -12.48 -0.78 -9.11
C GLN A 90 -12.31 -1.22 -7.67
N LEU A 91 -11.12 -0.98 -7.09
CA LEU A 91 -10.93 -1.25 -5.67
C LEU A 91 -11.84 -0.37 -4.82
N GLU A 92 -11.97 0.91 -5.20
CA GLU A 92 -12.88 1.81 -4.50
C GLU A 92 -14.32 1.32 -4.61
N ARG A 93 -14.72 0.82 -5.79
CA ARG A 93 -16.08 0.34 -5.97
C ARG A 93 -16.32 -0.94 -5.18
N VAL A 94 -15.35 -1.85 -5.16
CA VAL A 94 -15.53 -3.12 -4.46
C VAL A 94 -15.61 -2.89 -2.96
N LEU A 95 -14.74 -2.03 -2.41
CA LEU A 95 -14.81 -1.71 -0.99
C LEU A 95 -16.15 -1.07 -0.64
N GLU A 96 -16.68 -0.24 -1.53
CA GLU A 96 -18.01 0.32 -1.33
C GLU A 96 -19.07 -0.78 -1.28
N THR A 97 -18.93 -1.79 -2.13
CA THR A 97 -19.87 -2.90 -2.13
C THR A 97 -19.81 -3.68 -0.83
N ALA A 98 -18.60 -3.87 -0.29
CA ALA A 98 -18.45 -4.51 1.02
C ALA A 98 -19.08 -3.67 2.11
N ALA A 99 -18.94 -2.34 2.02
CA ALA A 99 -19.52 -1.47 3.04
C ALA A 99 -21.04 -1.53 3.02
N SER A 100 -21.63 -1.62 1.82
CA SER A 100 -23.08 -1.72 1.72
C SER A 100 -23.62 -3.03 2.27
N ALA A 101 -22.77 -4.05 2.39
CA ALA A 101 -23.17 -5.33 2.98
C ALA A 101 -23.14 -5.30 4.50
N ALA A 102 -22.80 -4.18 5.11
CA ALA A 102 -22.76 -4.04 6.56
C ALA A 102 -23.76 -2.96 7.00
N ILE A 103 -24.20 -3.07 8.25
CA ILE A 103 -25.12 -2.08 8.81
C ILE A 103 -24.39 -0.75 8.94
N PHE A 104 -24.87 0.26 8.23
CA PHE A 104 -24.28 1.59 8.26
C PHE A 104 -24.90 2.34 9.44
N GLU A 105 -24.07 2.62 10.45
CA GLU A 105 -24.54 3.29 11.66
C GLU A 105 -23.77 4.58 11.93
N ARG A 106 -22.98 5.06 10.97
CA ARG A 106 -22.23 6.29 11.16
C ARG A 106 -23.16 7.48 11.25
N ARG A 107 -23.04 8.24 12.33
CA ARG A 107 -23.90 9.40 12.59
C ARG A 107 -23.17 10.66 12.14
N GLY A 108 -23.72 11.33 11.14
CA GLY A 108 -23.14 12.55 10.64
C GLY A 108 -23.41 12.76 9.17
N PRO A 109 -22.91 13.86 8.61
CA PRO A 109 -23.10 14.12 7.19
C PRO A 109 -22.31 13.13 6.36
N PRO A 110 -22.74 12.85 5.13
CA PRO A 110 -22.00 11.90 4.29
C PRO A 110 -20.60 12.40 3.97
N LEU A 111 -19.62 11.49 4.07
CA LEU A 111 -18.26 11.82 3.72
C LEU A 111 -18.13 11.99 2.20
N SER A 112 -17.15 12.80 1.79
CA SER A 112 -16.92 12.97 0.37
C SER A 112 -16.27 11.71 -0.20
N ARG A 113 -16.07 11.72 -1.53
CA ARG A 113 -15.53 10.54 -2.20
C ARG A 113 -14.16 10.16 -1.66
N GLU A 114 -13.34 11.16 -1.33
CA GLU A 114 -11.96 10.87 -0.92
C GLU A 114 -11.90 10.29 0.49
N GLU A 115 -12.60 10.91 1.44
CA GLU A 115 -12.57 10.42 2.81
C GLU A 115 -13.42 9.17 3.01
N ARG A 116 -14.44 8.95 2.17
CA ARG A 116 -15.11 7.66 2.18
C ARG A 116 -14.15 6.55 1.80
N LEU A 117 -13.34 6.76 0.77
CA LEU A 117 -12.36 5.76 0.36
C LEU A 117 -11.31 5.54 1.46
N LEU A 118 -10.83 6.63 2.07
CA LEU A 118 -9.89 6.48 3.18
C LEU A 118 -10.52 5.76 4.35
N TYR A 119 -11.77 6.09 4.67
CA TYR A 119 -12.48 5.41 5.75
C TYR A 119 -12.58 3.92 5.49
N LEU A 120 -12.79 3.52 4.23
CA LEU A 120 -13.04 2.12 3.91
C LEU A 120 -11.74 1.33 3.79
N ILE A 121 -10.72 1.89 3.13
CA ILE A 121 -9.50 1.12 2.90
C ILE A 121 -8.70 0.97 4.18
N THR A 122 -8.81 1.93 5.10
CA THR A 122 -8.10 1.82 6.37
C THR A 122 -8.71 0.73 7.25
N ASN A 123 -10.04 0.61 7.24
CA ASN A 123 -10.70 -0.38 8.08
C ASN A 123 -10.68 -1.76 7.46
N TYR A 124 -10.81 -1.85 6.14
CA TYR A 124 -10.90 -3.15 5.47
C TYR A 124 -9.54 -3.72 5.08
N LEU A 125 -8.56 -2.86 4.78
CA LEU A 125 -7.21 -3.29 4.42
C LEU A 125 -6.22 -2.61 5.35
N PRO A 126 -6.23 -2.96 6.65
CA PRO A 126 -5.46 -2.17 7.63
C PRO A 126 -3.97 -2.44 7.61
N SER A 127 -3.50 -3.58 7.09
CA SER A 127 -2.10 -3.93 7.15
C SER A 127 -1.60 -4.34 5.78
N VAL A 128 -0.27 -4.44 5.66
CA VAL A 128 0.37 -4.91 4.44
C VAL A 128 1.35 -6.01 4.79
N SER A 129 1.70 -6.80 3.78
CA SER A 129 2.66 -7.89 3.93
C SER A 129 3.66 -7.84 2.78
N LEU A 130 4.94 -7.89 3.12
CA LEU A 130 6.01 -7.90 2.13
C LEU A 130 6.31 -9.32 1.69
N ALA A 131 6.36 -9.54 0.38
CA ALA A 131 6.69 -10.84 -0.18
C ALA A 131 8.14 -10.84 -0.63
N THR A 132 8.86 -11.89 -0.29
CA THR A 132 10.25 -12.06 -0.68
C THR A 132 10.40 -13.35 -1.50
N LYS A 133 11.46 -13.41 -2.28
CA LYS A 133 11.76 -14.66 -2.96
C LYS A 133 12.23 -15.71 -1.95
N ARG A 134 12.22 -16.97 -2.38
CA ARG A 134 12.57 -18.06 -1.49
C ARG A 134 14.02 -17.91 -1.02
N LEU A 135 14.31 -18.56 0.12
CA LEU A 135 15.54 -18.28 0.86
C LEU A 135 16.79 -18.53 0.03
N GLY A 136 16.82 -19.63 -0.71
CA GLY A 136 18.02 -20.03 -1.45
C GLY A 136 18.50 -19.02 -2.48
N ASP A 142 19.94 -3.53 -6.67
CA ASP A 142 21.07 -4.33 -6.22
C ASP A 142 20.73 -5.82 -6.22
N ARG A 143 19.62 -6.18 -5.58
CA ARG A 143 19.21 -7.58 -5.51
C ARG A 143 17.71 -7.67 -5.73
N THR A 144 17.26 -8.89 -6.03
CA THR A 144 15.87 -9.17 -6.35
C THR A 144 15.12 -9.83 -5.19
N LEU A 145 15.60 -9.63 -3.96
CA LEU A 145 14.97 -10.30 -2.81
C LEU A 145 13.54 -9.83 -2.60
N PHE A 146 13.30 -8.54 -2.79
CA PHE A 146 11.96 -7.99 -2.61
C PHE A 146 11.12 -8.27 -3.85
N ALA A 147 9.89 -8.75 -3.64
CA ALA A 147 9.01 -9.16 -4.73
C ALA A 147 7.82 -8.23 -4.89
N HIS A 148 6.96 -8.12 -3.88
CA HIS A 148 5.79 -7.26 -3.96
C HIS A 148 5.30 -6.95 -2.56
N VAL A 149 4.39 -5.98 -2.47
CA VAL A 149 3.74 -5.61 -1.22
C VAL A 149 2.25 -5.90 -1.38
N ALA A 150 1.69 -6.63 -0.42
CA ALA A 150 0.30 -7.09 -0.49
C ALA A 150 -0.54 -6.34 0.53
N LEU A 151 -1.68 -5.82 0.08
CA LEU A 151 -2.69 -5.30 0.99
C LEU A 151 -3.42 -6.46 1.65
N CYS A 152 -3.37 -6.52 2.99
CA CYS A 152 -3.93 -7.63 3.74
C CYS A 152 -5.34 -7.32 4.17
N ALA A 153 -6.29 -8.16 3.76
CA ALA A 153 -7.66 -8.02 4.22
C ALA A 153 -7.74 -8.39 5.71
N ILE A 154 -8.42 -7.55 6.49
CA ILE A 154 -8.59 -7.83 7.90
C ILE A 154 -9.41 -9.11 8.07
N GLY A 155 -9.03 -9.93 9.05
CA GLY A 155 -9.64 -11.23 9.22
C GLY A 155 -9.08 -12.32 8.34
N ARG A 156 -8.25 -11.98 7.36
CA ARG A 156 -7.56 -12.94 6.51
C ARG A 156 -6.08 -13.02 6.83
N ARG A 157 -5.37 -11.90 6.72
CA ARG A 157 -3.94 -11.83 7.02
C ARG A 157 -3.68 -10.64 7.93
N LEU A 158 -2.66 -10.77 8.78
CA LEU A 158 -2.26 -9.73 9.71
C LEU A 158 -0.81 -9.37 9.41
N GLY A 159 -0.58 -8.17 8.90
CA GLY A 159 0.75 -7.72 8.58
C GLY A 159 1.16 -6.49 9.38
N THR A 160 2.02 -5.66 8.81
CA THR A 160 2.46 -4.44 9.48
C THR A 160 1.47 -3.31 9.22
N ILE A 161 1.29 -2.46 10.23
CA ILE A 161 0.32 -1.38 10.15
C ILE A 161 0.82 -0.31 9.18
N VAL A 162 -0.10 0.22 8.38
CA VAL A 162 0.20 1.30 7.43
C VAL A 162 -0.78 2.44 7.65
N THR A 163 -0.47 3.57 7.03
CA THR A 163 -1.37 4.71 6.97
C THR A 163 -1.76 4.96 5.53
N TYR A 164 -3.02 5.33 5.32
CA TYR A 164 -3.53 5.71 4.01
C TYR A 164 -3.88 7.19 4.03
N ASP A 165 -3.54 7.89 2.95
CA ASP A 165 -3.87 9.31 2.84
C ASP A 165 -3.90 9.71 1.37
N THR A 166 -4.54 10.84 1.12
CA THR A 166 -4.60 11.41 -0.22
C THR A 166 -3.40 12.28 -0.56
N GLY A 167 -2.42 12.37 0.33
CA GLY A 167 -1.23 13.14 0.07
C GLY A 167 0.02 12.34 0.37
N LEU A 168 1.07 12.62 -0.39
CA LEU A 168 2.32 11.90 -0.23
C LEU A 168 2.98 12.22 1.12
N ASP A 169 3.19 13.51 1.39
CA ASP A 169 3.74 13.92 2.67
C ASP A 169 2.84 13.52 3.82
N ALA A 170 1.51 13.60 3.60
CA ALA A 170 0.57 13.26 4.68
C ALA A 170 0.67 11.80 5.06
N ALA A 171 0.96 10.91 4.10
CA ALA A 171 1.06 9.49 4.42
C ALA A 171 2.30 9.19 5.26
N ILE A 172 3.37 9.97 5.11
CA ILE A 172 4.60 9.73 5.84
C ILE A 172 4.59 10.42 7.21
N ALA A 173 3.86 11.53 7.34
CA ALA A 173 3.91 12.35 8.54
C ALA A 173 3.66 11.60 9.85
N PRO A 174 2.66 10.72 9.98
CA PRO A 174 2.40 10.09 11.29
C PRO A 174 3.53 9.21 11.80
N PHE A 175 4.54 8.89 10.97
CA PHE A 175 5.65 8.05 11.40
C PHE A 175 6.77 8.93 11.95
N ARG A 176 6.58 9.38 13.19
CA ARG A 176 7.55 10.26 13.82
C ARG A 176 8.84 9.54 14.18
N HIS A 177 8.82 8.20 14.28
CA HIS A 177 10.01 7.46 14.67
C HIS A 177 11.03 7.37 13.55
N LEU A 178 10.63 7.62 12.30
CA LEU A 178 11.56 7.57 11.19
C LEU A 178 12.63 8.64 11.34
N SER A 179 13.87 8.26 11.03
CA SER A 179 14.96 9.23 11.06
C SER A 179 14.76 10.26 9.96
N PRO A 180 15.15 11.51 10.19
CA PRO A 180 14.96 12.55 9.17
C PRO A 180 15.67 12.25 7.86
N ALA A 181 16.78 11.50 7.91
CA ALA A 181 17.46 11.14 6.67
C ALA A 181 16.66 10.14 5.86
N SER A 182 16.06 9.15 6.54
CA SER A 182 15.22 8.17 5.83
C SER A 182 13.95 8.83 5.30
N ARG A 183 13.37 9.76 6.06
CA ARG A 183 12.19 10.47 5.60
C ARG A 183 12.48 11.29 4.35
N GLU A 184 13.61 12.01 4.36
CA GLU A 184 13.96 12.83 3.21
C GLU A 184 14.20 11.98 1.97
N GLY A 185 15.00 10.92 2.11
CA GLY A 185 15.23 10.02 0.99
C GLY A 185 13.95 9.39 0.47
N ALA A 186 13.01 9.13 1.37
CA ALA A 186 11.75 8.50 0.96
C ALA A 186 10.92 9.44 0.09
N ARG A 187 10.75 10.70 0.52
CA ARG A 187 9.88 11.60 -0.23
C ARG A 187 10.51 12.09 -1.52
N ARG A 188 11.84 12.15 -1.58
CA ARG A 188 12.49 12.49 -2.85
C ARG A 188 12.49 11.30 -3.80
N LEU A 189 12.69 10.09 -3.29
CA LEU A 189 12.60 8.91 -4.14
C LEU A 189 11.18 8.66 -4.59
N ALA A 190 10.21 8.93 -3.72
CA ALA A 190 8.81 8.70 -4.09
C ALA A 190 8.34 9.72 -5.11
N ALA A 191 8.80 10.96 -5.00
CA ALA A 191 8.35 12.01 -5.92
C ALA A 191 8.79 11.73 -7.34
N GLU A 192 10.05 11.29 -7.52
CA GLU A 192 10.53 10.99 -8.87
C GLU A 192 9.95 9.69 -9.40
N ALA A 193 9.62 8.75 -8.51
CA ALA A 193 8.99 7.51 -8.95
C ALA A 193 7.53 7.71 -9.31
N GLU A 194 6.83 8.55 -8.54
CA GLU A 194 5.46 8.90 -8.87
C GLU A 194 5.36 9.58 -10.23
N LEU A 195 6.43 10.27 -10.64
CA LEU A 195 6.41 10.98 -11.92
C LEU A 195 6.42 10.02 -13.09
N ALA A 196 7.17 8.91 -12.97
CA ALA A 196 7.21 7.92 -14.03
C ALA A 196 5.86 7.24 -14.24
N LEU A 197 5.01 7.24 -13.23
CA LEU A 197 3.68 6.64 -13.29
C LEU A 197 2.61 7.67 -13.61
N SER A 198 2.93 8.64 -14.47
CA SER A 198 2.00 9.74 -14.73
C SER A 198 0.77 9.23 -15.45
N GLY A 199 -0.39 9.40 -14.82
CA GLY A 199 -1.65 9.01 -15.45
C GLY A 199 -1.82 7.53 -15.65
N ARG A 200 -1.28 6.71 -14.75
CA ARG A 200 -1.41 5.27 -14.82
C ARG A 200 -2.41 4.79 -13.78
N THR A 201 -3.41 4.03 -14.22
CA THR A 201 -4.38 3.40 -13.36
C THR A 201 -4.19 1.89 -13.40
N TRP A 202 -4.86 1.20 -12.46
CA TRP A 202 -4.83 -0.24 -12.38
C TRP A 202 -6.25 -0.78 -12.50
N ALA A 203 -6.44 -1.80 -13.32
CA ALA A 203 -7.75 -2.39 -13.57
C ALA A 203 -7.64 -3.90 -13.44
N PRO A 204 -7.56 -4.42 -12.22
CA PRO A 204 -7.56 -5.89 -12.04
C PRO A 204 -8.91 -6.52 -12.35
N GLY A 205 -9.99 -5.76 -12.29
CA GLY A 205 -11.33 -6.31 -12.49
C GLY A 205 -12.19 -6.23 -11.25
N VAL A 206 -13.44 -5.79 -11.40
CA VAL A 206 -14.34 -5.68 -10.25
C VAL A 206 -14.64 -7.06 -9.68
N GLU A 207 -14.95 -8.03 -10.55
CA GLU A 207 -15.21 -9.38 -10.08
C GLU A 207 -13.96 -10.05 -9.53
N ALA A 208 -12.80 -9.75 -10.11
CA ALA A 208 -11.55 -10.29 -9.59
C ALA A 208 -11.31 -9.83 -8.15
N LEU A 209 -11.56 -8.55 -7.88
CA LEU A 209 -11.35 -8.02 -6.54
C LEU A 209 -12.42 -8.52 -5.58
N THR A 210 -13.66 -8.67 -6.06
CA THR A 210 -14.74 -9.16 -5.20
C THR A 210 -14.48 -10.58 -4.74
N HIS A 211 -14.00 -11.44 -5.64
CA HIS A 211 -13.71 -12.83 -5.28
C HIS A 211 -12.63 -12.91 -4.21
N THR A 212 -11.57 -12.11 -4.35
CA THR A 212 -10.49 -12.13 -3.37
C THR A 212 -10.96 -11.59 -2.01
N LEU A 213 -11.72 -10.50 -2.02
CA LEU A 213 -12.07 -9.83 -0.77
C LEU A 213 -13.27 -10.49 -0.10
N LEU A 214 -14.42 -10.46 -0.76
CA LEU A 214 -15.68 -10.87 -0.13
C LEU A 214 -15.85 -12.38 -0.16
#